data_6SY3
#
_entry.id   6SY3
#
_cell.length_a   54.485
_cell.length_b   56.535
_cell.length_c   66.585
_cell.angle_alpha   90.000
_cell.angle_beta   90.000
_cell.angle_gamma   90.000
#
_symmetry.space_group_name_H-M   'P 21 21 21'
#
loop_
_entity.id
_entity.type
_entity.pdbx_description
1 polymer 'Cationic Trypsin'
2 non-polymer 'CALCIUM ION'
3 non-polymer 'DIMETHYL SULFOXIDE'
4 non-polymer (2~{S})-1-[(2~{R})-2-azanyl-3,3-diphenyl-propanoyl]-~{N}-(pyridin-4-ylmethyl)pyrrolidine-2-carboxamide
5 water water
#
_entity_poly.entity_id   1
_entity_poly.type   'polypeptide(L)'
_entity_poly.pdbx_seq_one_letter_code
;MKTFIFLALLGAAVAFPVDDDDKIVGGYTCGANTVPYQVSLNSGYHFCGGSLINSQWVVSAAHCYKSGIQVRLGEDNINV
VEGNEQFISASKSIVHPSYNSNTLNNDIMLIKLKSAASLNSRVASISLPTSCASAGTQCLISGWGNTKSSGTSYPDVLKC
LKAPILSDSSCKSAYPGQITSNMFCAGYLEGGKDSCQGDSGGPVVCSGKLQGIVSWGSGCAQKNKPGVYTKVCNYVSWIK
QTIASN
;
_entity_poly.pdbx_strand_id   A
#
loop_
_chem_comp.id
_chem_comp.type
_chem_comp.name
_chem_comp.formula
CA non-polymer 'CALCIUM ION' 'Ca 2'
DMS non-polymer 'DIMETHYL SULFOXIDE' 'C2 H6 O S'
LXW non-polymer (2~{S})-1-[(2~{R})-2-azanyl-3,3-diphenyl-propanoyl]-~{N}-(pyridin-4-ylmethyl)pyrrolidine-2-carboxamide 'C26 H28 N4 O2'
#
# COMPACT_ATOMS: atom_id res chain seq x y z
N ILE A 24 2.34 -2.90 10.75
CA ILE A 24 3.81 -2.95 10.56
C ILE A 24 4.44 -3.56 11.80
N VAL A 25 5.18 -4.64 11.62
CA VAL A 25 5.89 -5.32 12.72
C VAL A 25 7.35 -4.88 12.66
N GLY A 26 7.89 -4.49 13.81
CA GLY A 26 9.31 -4.20 13.89
C GLY A 26 9.73 -2.89 13.26
N GLY A 27 8.78 -1.98 13.05
CA GLY A 27 9.02 -0.68 12.49
C GLY A 27 9.11 0.39 13.54
N TYR A 28 8.77 1.62 13.15
CA TYR A 28 8.94 2.78 13.99
C TYR A 28 7.83 3.77 13.71
N THR A 29 7.59 4.66 14.66
CA THR A 29 6.62 5.73 14.45
C THR A 29 7.13 6.70 13.39
N CYS A 30 6.35 6.88 12.32
CA CYS A 30 6.83 7.68 11.20
C CYS A 30 7.11 9.12 11.62
N GLY A 31 6.19 9.71 12.38
CA GLY A 31 6.14 11.14 12.60
C GLY A 31 4.96 11.71 11.83
N ALA A 32 4.16 12.54 12.50
CA ALA A 32 2.91 13.00 11.91
C ALA A 32 3.13 13.65 10.55
N ASN A 33 2.39 13.16 9.55
CA ASN A 33 2.29 13.74 8.23
C ASN A 33 3.60 13.72 7.45
N THR A 34 4.56 12.88 7.87
CA THR A 34 5.79 12.70 7.12
C THR A 34 5.64 11.75 5.94
N VAL A 35 4.49 11.11 5.80
CA VAL A 35 4.14 10.23 4.69
C VAL A 35 2.84 10.78 4.10
N PRO A 36 2.89 11.92 3.41
CA PRO A 36 1.67 12.70 3.19
C PRO A 36 0.77 12.14 2.10
N TYR A 37 1.22 11.12 1.38
CA TYR A 37 0.43 10.37 0.41
C TYR A 37 -0.29 9.17 1.02
N GLN A 38 0.00 8.83 2.28
CA GLN A 38 -0.63 7.68 2.93
C GLN A 38 -2.07 8.01 3.26
N VAL A 39 -3.02 7.18 2.83
N VAL A 39 -2.95 7.06 2.93
CA VAL A 39 -4.41 7.34 3.25
CA VAL A 39 -4.39 7.13 3.11
C VAL A 39 -4.86 6.13 4.04
C VAL A 39 -4.79 6.07 4.14
N SER A 40 -5.87 6.37 4.88
CA SER A 40 -6.61 5.34 5.60
C SER A 40 -7.97 5.18 4.92
N LEU A 41 -8.34 3.94 4.59
CA LEU A 41 -9.67 3.64 4.10
C LEU A 41 -10.54 3.24 5.28
N ASN A 42 -11.69 3.90 5.42
CA ASN A 42 -12.54 3.77 6.59
C ASN A 42 -13.95 3.36 6.16
N SER A 43 -14.48 2.32 6.80
CA SER A 43 -15.84 1.86 6.60
C SER A 43 -16.55 1.72 7.95
N GLY A 44 -16.38 2.74 8.79
CA GLY A 44 -16.76 2.70 10.19
C GLY A 44 -15.58 2.47 11.11
N TYR A 45 -14.45 2.13 10.53
CA TYR A 45 -13.20 1.75 11.18
C TYR A 45 -12.16 1.70 10.07
N HIS A 46 -10.89 1.88 10.43
CA HIS A 46 -9.81 1.69 9.47
C HIS A 46 -9.76 0.22 9.05
N PHE A 47 -9.69 -0.03 7.74
CA PHE A 47 -9.56 -1.40 7.28
C PHE A 47 -8.44 -1.63 6.26
N CYS A 48 -7.89 -0.59 5.66
CA CYS A 48 -6.84 -0.76 4.66
C CYS A 48 -6.15 0.58 4.49
N GLY A 49 -4.93 0.53 3.98
CA GLY A 49 -4.24 1.70 3.49
C GLY A 49 -4.48 1.95 2.02
N GLY A 50 -3.88 3.03 1.54
CA GLY A 50 -3.86 3.39 0.14
C GLY A 50 -2.89 4.53 -0.04
N SER A 51 -2.71 4.94 -1.30
CA SER A 51 -1.77 5.97 -1.68
C SER A 51 -2.45 6.98 -2.60
N LEU A 52 -2.33 8.26 -2.26
CA LEU A 52 -2.90 9.33 -3.08
C LEU A 52 -1.96 9.58 -4.27
N ILE A 53 -2.45 9.37 -5.48
CA ILE A 53 -1.63 9.54 -6.68
C ILE A 53 -1.91 10.84 -7.42
N ASN A 54 -3.03 11.49 -7.15
N ASN A 54 -3.05 11.47 -7.19
CA ASN A 54 -3.33 12.84 -7.62
CA ASN A 54 -3.31 12.85 -7.60
C ASN A 54 -4.53 13.30 -6.79
C ASN A 54 -4.47 13.34 -6.75
N SER A 55 -4.99 14.52 -7.04
CA SER A 55 -6.00 15.08 -6.15
C SER A 55 -7.31 14.29 -6.14
N GLN A 56 -7.55 13.43 -7.12
CA GLN A 56 -8.82 12.74 -7.22
C GLN A 56 -8.76 11.23 -7.11
N TRP A 57 -7.57 10.63 -6.98
CA TRP A 57 -7.44 9.19 -7.10
C TRP A 57 -6.50 8.60 -6.06
N VAL A 58 -6.91 7.44 -5.54
CA VAL A 58 -6.14 6.62 -4.61
C VAL A 58 -5.89 5.26 -5.23
N VAL A 59 -4.67 4.75 -5.07
CA VAL A 59 -4.32 3.38 -5.41
C VAL A 59 -4.33 2.55 -4.13
N SER A 60 -4.98 1.39 -4.17
CA SER A 60 -4.97 0.45 -3.06
C SER A 60 -4.90 -0.96 -3.64
N ALA A 61 -5.10 -1.95 -2.77
CA ALA A 61 -5.11 -3.36 -3.17
C ALA A 61 -6.52 -3.77 -3.57
N ALA A 62 -6.64 -4.62 -4.60
CA ALA A 62 -7.94 -5.20 -4.94
C ALA A 62 -8.54 -5.97 -3.77
N HIS A 63 -7.72 -6.62 -2.94
CA HIS A 63 -8.29 -7.39 -1.83
C HIS A 63 -8.86 -6.48 -0.74
N CYS A 64 -8.65 -5.17 -0.84
CA CYS A 64 -9.29 -4.18 0.01
C CYS A 64 -10.67 -3.74 -0.48
N TYR A 65 -11.13 -4.23 -1.64
CA TYR A 65 -12.42 -3.80 -2.15
C TYR A 65 -13.54 -4.04 -1.14
N LYS A 66 -14.40 -3.03 -1.00
CA LYS A 66 -15.68 -3.16 -0.36
C LYS A 66 -16.48 -1.93 -0.75
N SER A 67 -17.77 -1.96 -0.48
CA SER A 67 -18.59 -0.77 -0.66
C SER A 67 -18.50 0.12 0.58
N GLY A 68 -18.92 1.37 0.42
CA GLY A 68 -19.01 2.30 1.54
C GLY A 68 -17.68 2.80 2.06
N ILE A 69 -16.75 3.10 1.17
CA ILE A 69 -15.42 3.55 1.56
C ILE A 69 -15.41 5.06 1.72
N GLN A 70 -14.89 5.52 2.86
CA GLN A 70 -14.47 6.91 3.02
C GLN A 70 -12.95 6.96 3.06
N VAL A 71 -12.38 7.81 2.23
CA VAL A 71 -10.94 8.02 2.18
C VAL A 71 -10.57 9.08 3.21
N ARG A 72 -9.59 8.76 4.04
CA ARG A 72 -9.13 9.70 5.08
C ARG A 72 -7.68 10.07 4.80
N LEU A 73 -7.48 11.34 4.44
N LEU A 73 -7.49 11.34 4.45
CA LEU A 73 -6.19 11.90 4.09
CA LEU A 73 -6.21 11.94 4.09
C LEU A 73 -5.71 12.81 5.21
C LEU A 73 -5.69 12.75 5.27
N GLY A 74 -4.39 13.01 5.28
CA GLY A 74 -3.82 13.86 6.29
C GLY A 74 -3.81 13.27 7.69
N GLU A 75 -3.94 11.95 7.81
CA GLU A 75 -4.04 11.30 9.11
C GLU A 75 -2.68 11.02 9.72
N ASP A 76 -2.62 11.19 11.05
CA ASP A 76 -1.62 10.52 11.87
C ASP A 76 -2.33 9.60 12.84
N ASN A 77 -2.84 10.14 13.96
CA ASN A 77 -3.66 9.33 14.86
C ASN A 77 -5.04 9.15 14.24
N ILE A 78 -5.40 7.92 13.87
CA ILE A 78 -6.67 7.66 13.20
C ILE A 78 -7.87 7.68 14.14
N ASN A 79 -7.65 7.79 15.45
CA ASN A 79 -8.73 7.86 16.42
C ASN A 79 -8.98 9.25 16.98
N VAL A 80 -8.21 10.25 16.56
CA VAL A 80 -8.33 11.62 17.07
C VAL A 80 -8.32 12.58 15.88
N VAL A 81 -9.24 13.54 15.88
CA VAL A 81 -9.18 14.61 14.88
C VAL A 81 -8.11 15.61 15.33
N GLU A 82 -7.00 15.65 14.61
CA GLU A 82 -5.84 16.45 14.97
C GLU A 82 -5.73 17.75 14.19
N GLY A 83 -6.53 17.92 13.13
CA GLY A 83 -6.66 19.20 12.47
C GLY A 83 -6.14 19.28 11.06
N ASN A 84 -5.54 18.21 10.53
CA ASN A 84 -5.01 18.22 9.17
C ASN A 84 -5.71 17.23 8.24
N GLU A 85 -6.77 16.60 8.72
CA GLU A 85 -7.45 15.58 7.96
C GLU A 85 -8.34 16.16 6.86
N GLN A 86 -8.52 15.36 5.81
CA GLN A 86 -9.61 15.53 4.86
C GLN A 86 -10.31 14.20 4.73
N PHE A 87 -11.63 14.18 4.95
CA PHE A 87 -12.43 12.97 4.83
C PHE A 87 -13.28 13.13 3.57
N ILE A 88 -13.11 12.22 2.61
CA ILE A 88 -13.77 12.33 1.31
C ILE A 88 -14.29 10.96 0.92
N SER A 89 -15.59 10.86 0.65
CA SER A 89 -16.16 9.59 0.24
C SER A 89 -15.68 9.19 -1.15
N ALA A 90 -15.57 7.88 -1.37
CA ALA A 90 -15.33 7.38 -2.72
C ALA A 90 -16.60 7.50 -3.56
N SER A 91 -16.43 7.92 -4.81
CA SER A 91 -17.54 7.90 -5.76
C SER A 91 -17.55 6.66 -6.63
N LYS A 92 -16.40 5.99 -6.80
CA LYS A 92 -16.28 4.82 -7.65
C LYS A 92 -15.04 4.08 -7.23
N SER A 93 -15.12 2.76 -7.25
CA SER A 93 -13.94 1.91 -7.11
C SER A 93 -13.83 1.06 -8.36
N ILE A 94 -12.59 0.83 -8.81
CA ILE A 94 -12.30 0.04 -10.00
C ILE A 94 -11.22 -0.98 -9.63
N VAL A 95 -11.64 -2.22 -9.42
CA VAL A 95 -10.72 -3.32 -9.24
C VAL A 95 -10.12 -3.70 -10.60
N HIS A 96 -8.84 -4.04 -10.62
CA HIS A 96 -8.20 -4.42 -11.88
C HIS A 96 -9.02 -5.51 -12.58
N PRO A 97 -9.22 -5.40 -13.89
CA PRO A 97 -10.05 -6.40 -14.58
C PRO A 97 -9.55 -7.82 -14.41
N SER A 98 -8.25 -8.02 -14.25
CA SER A 98 -7.64 -9.34 -14.19
C SER A 98 -7.31 -9.78 -12.77
N TYR A 99 -7.77 -9.05 -11.76
CA TYR A 99 -7.52 -9.48 -10.39
C TYR A 99 -8.07 -10.88 -10.16
N ASN A 100 -7.22 -11.76 -9.63
N ASN A 100 -7.24 -11.75 -9.59
CA ASN A 100 -7.56 -13.16 -9.40
CA ASN A 100 -7.64 -13.07 -9.15
C ASN A 100 -7.31 -13.46 -7.93
C ASN A 100 -7.53 -13.12 -7.63
N SER A 101 -8.39 -13.57 -7.15
N SER A 101 -8.68 -13.26 -6.96
CA SER A 101 -8.24 -13.78 -5.71
CA SER A 101 -8.72 -13.24 -5.51
C SER A 101 -7.67 -15.16 -5.40
C SER A 101 -8.17 -14.51 -4.88
N ASN A 102 -7.78 -16.14 -6.30
N ASN A 102 -7.85 -15.54 -5.67
CA ASN A 102 -7.19 -17.44 -6.02
CA ASN A 102 -7.23 -16.76 -5.16
C ASN A 102 -5.70 -17.30 -5.76
C ASN A 102 -5.69 -16.73 -5.22
N THR A 103 -5.09 -16.30 -6.35
CA THR A 103 -3.65 -16.21 -6.44
C THR A 103 -3.12 -14.86 -6.00
N LEU A 104 -4.02 -13.87 -5.89
CA LEU A 104 -3.71 -12.47 -5.66
C LEU A 104 -2.90 -11.84 -6.80
N ASN A 105 -2.90 -12.46 -7.98
CA ASN A 105 -2.31 -11.80 -9.13
C ASN A 105 -3.15 -10.58 -9.50
N ASN A 106 -2.45 -9.48 -9.83
CA ASN A 106 -3.08 -8.21 -10.21
C ASN A 106 -3.85 -7.59 -9.04
N ASP A 107 -3.22 -7.58 -7.87
CA ASP A 107 -3.86 -7.08 -6.63
C ASP A 107 -3.75 -5.56 -6.55
N ILE A 108 -4.59 -4.89 -7.33
CA ILE A 108 -4.58 -3.43 -7.42
C ILE A 108 -5.99 -2.94 -7.71
N MET A 109 -6.32 -1.77 -7.14
N MET A 109 -6.34 -1.82 -7.10
CA MET A 109 -7.63 -1.15 -7.24
CA MET A 109 -7.58 -1.14 -7.44
C MET A 109 -7.45 0.36 -7.21
C MET A 109 -7.33 0.36 -7.40
N LEU A 110 -8.22 1.06 -8.06
CA LEU A 110 -8.28 2.51 -8.05
C LEU A 110 -9.56 2.97 -7.37
N ILE A 111 -9.46 4.03 -6.58
CA ILE A 111 -10.59 4.62 -5.88
C ILE A 111 -10.66 6.09 -6.29
N LYS A 112 -11.82 6.51 -6.80
N LYS A 112 -11.78 6.50 -6.87
CA LYS A 112 -12.08 7.89 -7.23
CA LYS A 112 -11.97 7.90 -7.18
C LYS A 112 -12.77 8.65 -6.10
C LYS A 112 -12.66 8.60 -6.02
N LEU A 113 -12.21 9.80 -5.75
CA LEU A 113 -12.79 10.64 -4.70
C LEU A 113 -13.96 11.46 -5.23
N LYS A 114 -14.99 11.60 -4.40
N LYS A 114 -14.97 11.63 -4.38
CA LYS A 114 -16.14 12.41 -4.80
CA LYS A 114 -16.15 12.41 -4.75
C LYS A 114 -15.75 13.86 -5.08
C LYS A 114 -15.83 13.88 -4.97
N SER A 115 -14.77 14.39 -4.35
CA SER A 115 -14.29 15.74 -4.57
C SER A 115 -12.77 15.70 -4.46
N ALA A 116 -12.13 16.67 -5.11
CA ALA A 116 -10.67 16.69 -5.14
C ALA A 116 -10.12 17.05 -3.78
N ALA A 117 -9.07 16.34 -3.38
CA ALA A 117 -8.35 16.73 -2.18
C ALA A 117 -7.66 18.07 -2.39
N SER A 118 -7.59 18.84 -1.32
N SER A 118 -7.51 18.81 -1.30
CA SER A 118 -6.75 20.03 -1.30
CA SER A 118 -6.75 20.05 -1.30
C SER A 118 -5.33 19.58 -0.99
C SER A 118 -5.30 19.72 -0.93
N LEU A 119 -4.41 19.81 -1.90
CA LEU A 119 -3.03 19.38 -1.70
C LEU A 119 -2.28 20.46 -0.92
N ASN A 120 -1.53 20.01 0.08
CA ASN A 120 -0.79 20.89 0.99
C ASN A 120 0.39 20.07 1.56
N SER A 121 1.09 20.62 2.55
CA SER A 121 2.28 19.93 3.05
C SER A 121 1.94 18.62 3.76
N ARG A 122 0.70 18.45 4.21
N ARG A 122 0.70 18.43 4.18
CA ARG A 122 0.28 17.24 4.92
CA ARG A 122 0.31 17.23 4.90
C ARG A 122 -0.50 16.28 4.04
C ARG A 122 -0.57 16.30 4.07
N VAL A 123 -0.94 16.71 2.86
CA VAL A 123 -1.72 15.91 1.94
C VAL A 123 -1.10 16.12 0.57
N ALA A 124 -0.40 15.10 0.08
CA ALA A 124 0.39 15.25 -1.13
C ALA A 124 0.34 13.95 -1.92
N SER A 125 0.43 14.07 -3.23
CA SER A 125 0.43 12.88 -4.07
C SER A 125 1.83 12.27 -4.16
N ILE A 126 1.86 10.97 -4.46
CA ILE A 126 3.07 10.22 -4.75
C ILE A 126 3.09 9.89 -6.25
N SER A 127 4.24 10.12 -6.87
N SER A 127 4.27 10.06 -6.85
CA SER A 127 4.40 9.84 -8.29
CA SER A 127 4.42 9.85 -8.29
C SER A 127 4.34 8.36 -8.59
C SER A 127 4.43 8.37 -8.65
N LEU A 128 3.80 8.05 -9.78
CA LEU A 128 3.86 6.72 -10.32
C LEU A 128 5.25 6.47 -10.90
N PRO A 129 5.69 5.22 -10.91
CA PRO A 129 7.01 4.91 -11.44
C PRO A 129 7.02 4.99 -12.95
N THR A 130 8.19 5.28 -13.51
CA THR A 130 8.41 5.11 -14.94
C THR A 130 9.24 3.89 -15.25
N SER A 131 9.99 3.39 -14.27
CA SER A 131 10.74 2.17 -14.38
C SER A 131 10.52 1.37 -13.11
N CYS A 132 10.66 0.06 -13.22
N CYS A 132 10.86 0.07 -13.17
CA CYS A 132 10.54 -0.75 -12.04
CA CYS A 132 10.63 -0.88 -12.09
C CYS A 132 11.76 -0.50 -11.15
C CYS A 132 11.84 -0.97 -11.15
N ALA A 133 11.60 -0.79 -9.88
N ALA A 133 11.59 -0.77 -9.86
CA ALA A 133 12.70 -0.72 -8.95
CA ALA A 133 12.68 -0.70 -8.89
C ALA A 133 13.57 -1.97 -9.07
C ALA A 133 13.43 -2.03 -8.78
N SER A 134 14.72 -1.92 -8.41
CA SER A 134 15.67 -3.01 -8.48
C SER A 134 15.85 -3.70 -7.13
N ALA A 135 16.24 -4.98 -7.19
CA ALA A 135 16.65 -5.70 -5.99
C ALA A 135 17.72 -4.91 -5.26
N GLY A 136 17.57 -4.86 -3.93
CA GLY A 136 18.48 -4.13 -3.09
C GLY A 136 18.09 -2.69 -2.81
N THR A 137 17.15 -2.13 -3.58
CA THR A 137 16.71 -0.77 -3.31
C THR A 137 15.96 -0.73 -2.00
N GLN A 138 16.25 0.29 -1.20
CA GLN A 138 15.64 0.48 0.10
C GLN A 138 14.39 1.33 -0.06
N CYS A 139 13.29 0.82 0.48
CA CYS A 139 11.99 1.44 0.31
C CYS A 139 11.35 1.69 1.67
N LEU A 140 10.30 2.52 1.67
CA LEU A 140 9.53 2.86 2.85
C LEU A 140 8.14 2.27 2.73
N ILE A 141 7.77 1.44 3.71
CA ILE A 141 6.46 0.80 3.79
C ILE A 141 5.78 1.36 5.03
N SER A 142 4.47 1.66 4.94
CA SER A 142 3.83 2.33 6.06
C SER A 142 2.38 1.86 6.20
N GLY A 143 1.87 2.00 7.42
CA GLY A 143 0.47 1.66 7.68
C GLY A 143 0.12 1.62 9.15
N TRP A 144 -1.18 1.38 9.38
CA TRP A 144 -1.79 1.26 10.69
C TRP A 144 -2.14 -0.19 11.03
N GLY A 145 -1.47 -1.16 10.39
CA GLY A 145 -1.73 -2.55 10.64
C GLY A 145 -1.10 -3.08 11.93
N ASN A 146 -1.35 -4.37 12.17
CA ASN A 146 -0.89 -5.06 13.36
C ASN A 146 0.62 -4.89 13.52
N THR A 147 1.05 -4.65 14.75
CA THR A 147 2.46 -4.49 15.09
C THR A 147 3.07 -5.74 15.72
N LYS A 148 2.32 -6.83 15.85
CA LYS A 148 2.85 -8.05 16.45
C LYS A 148 2.94 -9.18 15.42
N SER A 149 4.00 -9.99 15.51
CA SER A 149 4.17 -11.16 14.66
C SER A 149 3.46 -12.38 15.21
N SER A 150 3.21 -12.39 16.52
CA SER A 150 2.31 -13.33 17.16
C SER A 150 1.51 -12.49 18.15
N GLY A 151 0.21 -12.62 18.10
CA GLY A 151 -0.65 -11.74 18.84
C GLY A 151 -1.12 -10.59 17.99
N THR A 152 -1.78 -9.66 18.67
CA THR A 152 -2.51 -8.60 17.98
C THR A 152 -2.40 -7.30 18.76
N SER A 153 -1.90 -6.26 18.11
CA SER A 153 -1.94 -4.92 18.66
C SER A 153 -1.99 -3.95 17.50
N TYR A 154 -2.99 -3.07 17.51
CA TYR A 154 -3.17 -2.13 16.42
C TYR A 154 -2.86 -0.73 16.90
N PRO A 155 -1.98 -0.03 16.18
CA PRO A 155 -1.54 1.30 16.60
C PRO A 155 -2.53 2.36 16.14
N ASP A 156 -2.46 3.52 16.76
N ASP A 156 -2.48 3.49 16.84
CA ASP A 156 -3.29 4.59 16.24
CA ASP A 156 -3.24 4.69 16.49
C ASP A 156 -2.52 5.65 15.47
C ASP A 156 -2.51 5.58 15.49
N VAL A 157 -1.20 5.73 15.65
CA VAL A 157 -0.38 6.59 14.79
C VAL A 157 0.29 5.76 13.70
N LEU A 158 0.68 6.43 12.63
CA LEU A 158 1.21 5.74 11.47
C LEU A 158 2.58 5.15 11.77
N LYS A 159 2.79 3.90 11.37
N LYS A 159 2.78 3.90 11.36
CA LYS A 159 4.05 3.21 11.53
CA LYS A 159 4.04 3.20 11.51
C LYS A 159 4.73 3.05 10.17
C LYS A 159 4.73 3.04 10.15
N CYS A 160 6.06 2.96 10.23
CA CYS A 160 6.93 2.96 9.07
C CYS A 160 7.94 1.83 9.21
N LEU A 161 8.40 1.36 8.06
CA LEU A 161 9.43 0.33 7.98
C LEU A 161 10.28 0.60 6.75
N LYS A 162 11.59 0.65 6.93
CA LYS A 162 12.51 0.62 5.81
C LYS A 162 12.84 -0.83 5.47
N ALA A 163 12.69 -1.18 4.20
CA ALA A 163 12.85 -2.57 3.79
C ALA A 163 13.42 -2.61 2.38
N PRO A 164 14.34 -3.53 2.11
CA PRO A 164 14.86 -3.67 0.76
C PRO A 164 14.02 -4.62 -0.09
N ILE A 165 14.01 -4.33 -1.39
CA ILE A 165 13.47 -5.28 -2.36
C ILE A 165 14.38 -6.48 -2.42
N LEU A 166 13.79 -7.67 -2.41
CA LEU A 166 14.55 -8.92 -2.48
C LEU A 166 14.63 -9.43 -3.91
N SER A 167 15.67 -10.23 -4.18
CA SER A 167 15.85 -10.83 -5.50
C SER A 167 14.65 -11.71 -5.85
N ASP A 168 14.38 -11.82 -7.15
CA ASP A 168 13.31 -12.69 -7.61
C ASP A 168 13.54 -14.14 -7.15
N SER A 169 14.79 -14.59 -7.17
CA SER A 169 15.07 -15.97 -6.79
C SER A 169 14.81 -16.21 -5.30
N SER A 170 15.18 -15.25 -4.44
CA SER A 170 14.88 -15.44 -3.01
C SER A 170 13.38 -15.38 -2.75
N CYS A 171 12.68 -14.51 -3.47
CA CYS A 171 11.23 -14.41 -3.33
C CYS A 171 10.57 -15.73 -3.74
N LYS A 172 10.98 -16.30 -4.87
CA LYS A 172 10.41 -17.56 -5.32
C LYS A 172 10.79 -18.72 -4.42
N SER A 173 11.98 -18.69 -3.83
CA SER A 173 12.34 -19.75 -2.88
C SER A 173 11.48 -19.68 -1.62
N ALA A 174 11.10 -18.47 -1.21
CA ALA A 174 10.26 -18.30 -0.03
C ALA A 174 8.83 -18.75 -0.28
N TYR A 175 8.34 -18.57 -1.50
CA TYR A 175 6.95 -18.85 -1.87
C TYR A 175 6.92 -19.65 -3.16
N PRO A 176 7.41 -20.89 -3.13
N PRO A 176 7.41 -20.89 -3.14
CA PRO A 176 7.45 -21.70 -4.35
CA PRO A 176 7.51 -21.65 -4.38
C PRO A 176 6.08 -21.79 -5.00
C PRO A 176 6.15 -21.89 -5.02
N GLY A 177 6.06 -21.59 -6.32
CA GLY A 177 4.85 -21.75 -7.09
C GLY A 177 3.84 -20.62 -6.99
N GLN A 178 4.14 -19.54 -6.28
CA GLN A 178 3.15 -18.53 -5.97
C GLN A 178 3.50 -17.11 -6.40
N ILE A 179 4.73 -16.83 -6.83
CA ILE A 179 5.14 -15.48 -7.17
C ILE A 179 5.02 -15.29 -8.67
N THR A 180 4.18 -14.34 -9.09
CA THR A 180 4.06 -14.00 -10.50
C THR A 180 4.94 -12.78 -10.82
N SER A 181 5.01 -12.47 -12.12
N SER A 181 5.02 -12.46 -12.12
CA SER A 181 5.76 -11.30 -12.58
CA SER A 181 5.78 -11.29 -12.53
C SER A 181 5.11 -9.99 -12.17
C SER A 181 5.20 -10.00 -11.99
N ASN A 182 3.96 -10.03 -11.50
CA ASN A 182 3.29 -8.85 -10.97
C ASN A 182 3.45 -8.70 -9.47
N MET A 183 4.41 -9.41 -8.89
CA MET A 183 4.67 -9.41 -7.45
C MET A 183 6.15 -9.27 -7.22
N PHE A 184 6.51 -8.67 -6.09
CA PHE A 184 7.87 -8.71 -5.59
C PHE A 184 7.86 -8.87 -4.07
N CYS A 185 8.95 -9.41 -3.55
CA CYS A 185 9.13 -9.50 -2.11
C CYS A 185 9.99 -8.36 -1.63
N ALA A 186 9.71 -7.89 -0.42
CA ALA A 186 10.56 -6.90 0.23
C ALA A 186 10.54 -7.21 1.71
N GLY A 187 11.65 -6.92 2.39
CA GLY A 187 11.75 -7.21 3.80
C GLY A 187 13.00 -7.97 4.15
N TYR A 188 12.84 -8.94 5.03
CA TYR A 188 13.95 -9.53 5.77
C TYR A 188 13.69 -11.03 5.91
N LEU A 189 14.55 -11.85 5.31
CA LEU A 189 14.39 -13.29 5.41
C LEU A 189 14.56 -13.78 6.84
N GLU A 190 15.26 -13.03 7.70
CA GLU A 190 15.36 -13.42 9.10
C GLU A 190 14.09 -13.17 9.88
N GLY A 191 13.09 -12.51 9.28
N GLY A 191 13.09 -12.51 9.28
CA GLY A 191 11.88 -12.19 10.00
CA GLY A 191 11.87 -12.17 9.97
C GLY A 191 12.13 -11.10 11.04
C GLY A 191 12.01 -10.90 10.78
N GLY A 192 11.04 -10.71 11.69
CA GLY A 192 11.07 -9.66 12.69
C GLY A 192 10.58 -8.30 12.22
N LYS A 193 10.64 -8.02 10.92
CA LYS A 193 10.28 -6.72 10.35
C LYS A 193 9.46 -6.97 9.10
N ASP A 194 8.23 -6.47 9.04
CA ASP A 194 7.36 -6.80 7.92
C ASP A 194 6.11 -5.93 7.98
N SER A 195 5.33 -5.98 6.91
N SER A 195 5.32 -6.00 6.91
CA SER A 195 3.95 -5.49 6.97
CA SER A 195 3.95 -5.54 6.91
C SER A 195 3.02 -6.60 7.44
C SER A 195 3.06 -6.56 7.64
N CYS A 196 1.77 -6.25 7.75
CA CYS A 196 0.86 -7.18 8.39
C CYS A 196 -0.59 -6.78 8.10
N GLN A 197 -1.51 -7.57 8.65
CA GLN A 197 -2.95 -7.31 8.50
C GLN A 197 -3.25 -5.86 8.87
N GLY A 198 -4.04 -5.19 8.03
CA GLY A 198 -4.38 -3.80 8.22
C GLY A 198 -3.45 -2.82 7.50
N ASP A 199 -2.27 -3.29 7.09
CA ASP A 199 -1.40 -2.51 6.22
C ASP A 199 -1.78 -2.66 4.75
N SER A 200 -2.55 -3.70 4.43
CA SER A 200 -3.06 -4.00 3.10
C SER A 200 -3.42 -2.75 2.34
N GLY A 201 -2.97 -2.68 1.09
CA GLY A 201 -3.32 -1.58 0.21
C GLY A 201 -2.43 -0.38 0.29
N GLY A 202 -1.60 -0.29 1.33
CA GLY A 202 -0.73 0.84 1.52
C GLY A 202 0.50 0.82 0.65
N PRO A 203 1.30 1.88 0.80
CA PRO A 203 2.43 2.12 -0.11
C PRO A 203 3.71 1.41 0.24
N VAL A 204 4.44 1.09 -0.83
CA VAL A 204 5.88 0.82 -0.82
C VAL A 204 6.49 1.86 -1.74
N VAL A 205 7.23 2.81 -1.18
CA VAL A 205 7.82 3.91 -1.94
C VAL A 205 9.33 3.74 -2.00
N CYS A 206 9.88 3.87 -3.21
CA CYS A 206 11.31 3.74 -3.43
C CYS A 206 11.69 4.87 -4.37
N SER A 207 12.73 5.62 -4.02
N SER A 207 12.77 5.58 -4.04
CA SER A 207 13.22 6.71 -4.86
CA SER A 207 13.22 6.72 -4.83
C SER A 207 12.09 7.66 -5.27
C SER A 207 12.05 7.60 -5.29
N GLY A 208 11.19 7.96 -4.33
CA GLY A 208 10.14 8.92 -4.58
C GLY A 208 9.02 8.45 -5.49
N LYS A 209 8.91 7.15 -5.74
CA LYS A 209 7.86 6.60 -6.58
C LYS A 209 7.12 5.48 -5.86
N LEU A 210 5.84 5.33 -6.19
CA LEU A 210 5.03 4.24 -5.66
C LEU A 210 5.36 2.97 -6.44
N GLN A 211 6.21 2.12 -5.88
N GLN A 211 6.21 2.13 -5.86
CA GLN A 211 6.61 0.88 -6.56
CA GLN A 211 6.65 0.90 -6.50
C GLN A 211 5.85 -0.35 -6.08
C GLN A 211 5.80 -0.31 -6.11
N GLY A 212 5.25 -0.33 -4.89
CA GLY A 212 4.53 -1.49 -4.42
C GLY A 212 3.27 -1.11 -3.68
N ILE A 213 2.39 -2.11 -3.57
CA ILE A 213 1.18 -2.07 -2.76
C ILE A 213 1.26 -3.24 -1.79
N VAL A 214 0.99 -3.00 -0.50
CA VAL A 214 0.98 -4.08 0.48
C VAL A 214 -0.09 -5.09 0.07
N SER A 215 0.32 -6.34 -0.15
CA SER A 215 -0.55 -7.36 -0.73
C SER A 215 -0.73 -8.55 0.22
N TRP A 216 0.27 -9.43 0.35
CA TRP A 216 0.04 -10.65 1.13
C TRP A 216 1.36 -11.19 1.67
N GLY A 217 1.24 -12.23 2.49
CA GLY A 217 2.40 -12.99 2.92
C GLY A 217 1.90 -14.16 3.74
N SER A 218 2.83 -15.00 4.18
N SER A 218 2.84 -15.00 4.17
CA SER A 218 2.50 -16.10 5.08
CA SER A 218 2.53 -16.10 5.09
C SER A 218 2.76 -15.62 6.51
C SER A 218 2.78 -15.60 6.50
N GLY A 219 1.70 -15.24 7.20
CA GLY A 219 1.88 -14.57 8.47
C GLY A 219 2.60 -13.24 8.26
N CYS A 220 3.12 -12.72 9.37
CA CYS A 220 3.83 -11.44 9.39
C CYS A 220 5.14 -11.61 10.11
N ALA A 221 6.22 -11.16 9.49
CA ALA A 221 7.53 -11.12 10.13
C ALA A 221 8.06 -12.50 10.49
N GLN A 222 7.58 -13.54 9.81
CA GLN A 222 8.09 -14.89 10.02
C GLN A 222 9.35 -15.14 9.21
N LYS A 223 10.21 -16.00 9.74
CA LYS A 223 11.44 -16.36 9.04
C LYS A 223 11.13 -16.94 7.67
N ASN A 224 11.88 -16.49 6.66
CA ASN A 224 11.79 -16.97 5.29
C ASN A 224 10.43 -16.73 4.65
N LYS A 225 9.67 -15.78 5.17
CA LYS A 225 8.34 -15.43 4.64
C LYS A 225 8.20 -13.92 4.62
N PRO A 226 8.94 -13.25 3.73
CA PRO A 226 8.83 -11.80 3.64
C PRO A 226 7.50 -11.38 3.01
N GLY A 227 7.16 -10.12 3.18
CA GLY A 227 5.97 -9.61 2.53
C GLY A 227 6.06 -9.64 1.02
N VAL A 228 4.91 -9.82 0.39
CA VAL A 228 4.74 -9.83 -1.05
C VAL A 228 3.89 -8.62 -1.44
N TYR A 229 4.32 -7.92 -2.48
CA TYR A 229 3.81 -6.61 -2.85
C TYR A 229 3.45 -6.60 -4.33
N THR A 230 2.34 -5.91 -4.66
CA THR A 230 1.97 -5.73 -6.05
C THR A 230 2.98 -4.83 -6.75
N LYS A 231 3.40 -5.24 -7.94
N LYS A 231 3.43 -5.26 -7.93
CA LYS A 231 4.46 -4.56 -8.69
CA LYS A 231 4.49 -4.55 -8.66
C LYS A 231 3.83 -3.45 -9.53
C LYS A 231 3.85 -3.45 -9.52
N VAL A 232 3.77 -2.25 -8.94
CA VAL A 232 3.01 -1.14 -9.52
C VAL A 232 3.52 -0.76 -10.91
N CYS A 233 4.83 -0.88 -11.17
CA CYS A 233 5.33 -0.45 -12.47
C CYS A 233 4.66 -1.19 -13.64
N ASN A 234 4.12 -2.38 -13.41
CA ASN A 234 3.44 -3.12 -14.47
C ASN A 234 2.04 -2.60 -14.77
N TYR A 235 1.54 -1.66 -13.96
CA TYR A 235 0.15 -1.21 -14.04
C TYR A 235 0.02 0.25 -14.43
N VAL A 236 1.13 0.93 -14.72
CA VAL A 236 1.06 2.36 -14.95
C VAL A 236 0.21 2.69 -16.18
N SER A 237 0.30 1.90 -17.25
N SER A 237 0.31 1.89 -17.25
CA SER A 237 -0.52 2.17 -18.43
CA SER A 237 -0.50 2.14 -18.43
C SER A 237 -2.00 2.04 -18.12
C SER A 237 -1.99 2.03 -18.10
N TRP A 238 -2.38 0.98 -17.38
CA TRP A 238 -3.78 0.82 -16.97
C TRP A 238 -4.22 1.96 -16.07
N ILE A 239 -3.37 2.37 -15.12
CA ILE A 239 -3.76 3.47 -14.23
C ILE A 239 -4.00 4.73 -15.05
N LYS A 240 -3.04 5.08 -15.92
CA LYS A 240 -3.14 6.32 -16.66
C LYS A 240 -4.38 6.33 -17.57
N GLN A 241 -4.65 5.21 -18.25
CA GLN A 241 -5.80 5.20 -19.15
C GLN A 241 -7.11 5.23 -18.36
N THR A 242 -7.13 4.56 -17.21
CA THR A 242 -8.34 4.55 -16.39
C THR A 242 -8.64 5.94 -15.83
N ILE A 243 -7.63 6.64 -15.32
CA ILE A 243 -7.89 7.97 -14.79
C ILE A 243 -8.17 8.99 -15.88
N ALA A 244 -7.78 8.71 -17.12
CA ALA A 244 -8.11 9.61 -18.22
C ALA A 244 -9.56 9.50 -18.67
N SER A 245 -10.29 8.51 -18.18
CA SER A 245 -11.63 8.20 -18.68
C SER A 245 -12.67 8.05 -17.58
N ASN A 246 -12.32 8.39 -16.34
CA ASN A 246 -13.21 8.22 -15.20
C ASN A 246 -13.02 9.34 -14.22
CA CA B . -6.78 11.87 12.90
S DMS C . -11.53 10.11 14.58
O DMS C . -11.48 10.62 13.19
C1 DMS C . -13.00 10.86 15.33
C2 DMS C . -12.15 8.41 14.53
C4 LXW D . -1.16 -7.80 4.43
C5 LXW D . 0.09 -8.60 4.73
C6 LXW D . 0.03 -9.86 5.29
N1 LXW D . -4.16 -11.50 4.00
C7 LXW D . 1.20 -10.55 5.50
C8 LXW D . 2.45 -8.85 4.67
N2 LXW D . -2.16 -8.61 3.77
C9 LXW D . 1.34 -8.09 4.42
C10 LXW D . -5.49 -9.56 3.98
C11 LXW D . -6.37 -10.78 3.85
C12 LXW D . -5.52 -11.89 4.41
N3 LXW D . 2.40 -10.07 5.21
C13 LXW D . -3.24 -14.65 3.14
C14 LXW D . -4.50 -14.35 2.32
C15 LXW D . -5.69 -15.02 2.54
N LXW D . -1.97 -14.06 5.14
C LXW D . -3.17 -13.72 4.37
O LXW D . -3.05 -9.40 5.69
C1 LXW D . -3.06 -12.26 3.92
C16 LXW D . -6.85 -14.62 1.90
C17 LXW D . -6.82 -13.56 1.03
C18 LXW D . -5.65 -12.90 0.78
C19 LXW D . -4.49 -13.29 1.41
C2 LXW D . -4.10 -10.08 3.64
C20 LXW D . -3.11 -16.12 3.52
C21 LXW D . -2.22 -16.94 2.83
C22 LXW D . -2.05 -18.27 3.19
C23 LXW D . -2.77 -18.79 4.25
C24 LXW D . -3.65 -17.99 4.93
C25 LXW D . -3.82 -16.66 4.57
C3 LXW D . -3.05 -9.34 4.46
O1 LXW D . -2.01 -11.85 3.45
#